data_2IWD
#
_entry.id   2IWD
#
_cell.length_a   57.970
_cell.length_b   57.970
_cell.length_c   147.400
_cell.angle_alpha   90.00
_cell.angle_beta   90.00
_cell.angle_gamma   90.00
#
_symmetry.space_group_name_H-M   'P 41 21 2'
#
loop_
_entity.id
_entity.type
_entity.pdbx_description
1 polymer 'Methicillin resistance mecR1 protein'
2 non-polymer '(2R,4S)-5,5-dimethyl-2-[(1R)-1-{[(5-methyl-3-phenyl-1,2-oxazol-4-yl)carbonyl]amino}-2-oxoethyl]-1,3-thiazolidine-4-carb oxylic acid'
3 water water
#
_entity_poly.entity_id   1
_entity_poly.type   'polypeptide(L)'
_entity_poly.pdbx_seq_one_letter_code
;DKYETNVSYKKLNQLAPYFKGFDGSFVLYNEREQAYSIYNEPESKQRYSPNSTYKIYLALMAFDQNLLSLNHTEQQWDKH
QYPFKEWNQDQNLNSSMKYSVNWYYENLNKHLRQDEVKSYLDLIEYGNEEISGNENYWNESSLKISAIEQVNLLKNMKQH
NMHFDNKAIEKVENSMTLKQKDTYKYVGKTGTGIVNHKEANGWFVGYVETKDNTYYFATHLKGEDNANGEKAQQISERIL
KEMELI
;
_entity_poly.pdbx_strand_id   A
#
loop_
_chem_comp.id
_chem_comp.type
_chem_comp.name
_chem_comp.formula
1S6 non-polymer '(2R,4S)-5,5-dimethyl-2-[(1R)-1-{[(5-methyl-3-phenyl-1,2-oxazol-4-yl)carbonyl]amino}-2-oxoethyl]-1,3-thiazolidine-4-carb oxylic acid' 'C19 H21 N3 O5 S'
#
# COMPACT_ATOMS: atom_id res chain seq x y z
N ASP A 1 -9.71 15.37 -1.24
CA ASP A 1 -8.54 16.02 -0.58
C ASP A 1 -7.23 15.83 -1.39
N LYS A 2 -6.29 16.75 -1.20
CA LYS A 2 -5.18 16.86 -2.10
C LYS A 2 -3.88 17.05 -1.35
N TYR A 3 -2.88 16.30 -1.76
CA TYR A 3 -1.55 16.41 -1.20
C TYR A 3 -0.78 17.54 -1.90
N GLU A 4 -0.28 18.48 -1.11
CA GLU A 4 0.42 19.63 -1.67
C GLU A 4 1.93 19.47 -1.59
N THR A 5 2.57 19.50 -2.74
CA THR A 5 4.01 19.38 -2.83
C THR A 5 4.41 20.06 -4.13
N ASN A 6 5.53 20.76 -4.09
CA ASN A 6 6.10 21.30 -5.30
C ASN A 6 7.44 20.60 -5.55
N VAL A 7 7.45 19.29 -5.31
CA VAL A 7 8.63 18.50 -5.62
C VAL A 7 8.78 18.39 -7.14
N SER A 8 10.03 18.39 -7.60
CA SER A 8 10.36 18.16 -9.00
C SER A 8 10.17 16.69 -9.34
N TYR A 9 9.77 16.44 -10.59
CA TYR A 9 9.59 15.09 -11.15
C TYR A 9 9.85 15.06 -12.66
N LYS A 10 10.38 13.93 -13.13
CA LYS A 10 10.40 13.59 -14.56
C LYS A 10 8.96 13.28 -14.97
N LYS A 11 8.53 13.82 -16.11
CA LYS A 11 7.18 13.55 -16.61
C LYS A 11 7.10 12.18 -17.27
N LEU A 12 6.13 11.37 -16.90
CA LEU A 12 5.94 10.09 -17.56
C LEU A 12 4.64 10.00 -18.40
N ASN A 13 4.43 10.98 -19.26
CA ASN A 13 3.18 11.03 -20.04
C ASN A 13 2.92 9.92 -21.02
N GLN A 14 3.95 9.20 -21.41
CA GLN A 14 3.77 8.18 -22.44
C GLN A 14 3.38 6.84 -21.85
N LEU A 15 3.11 6.84 -20.52
CA LEU A 15 2.46 5.72 -19.83
C LEU A 15 0.94 5.76 -20.01
N ALA A 16 0.42 6.85 -20.58
CA ALA A 16 -1.04 7.07 -20.72
C ALA A 16 -1.77 5.86 -21.31
N PRO A 17 -1.24 5.25 -22.39
CA PRO A 17 -1.94 4.11 -22.96
C PRO A 17 -2.20 2.95 -21.99
N TYR A 18 -1.38 2.78 -20.95
CA TYR A 18 -1.55 1.71 -19.97
C TYR A 18 -2.79 1.91 -19.12
N PHE A 19 -3.23 3.15 -19.03
CA PHE A 19 -4.34 3.54 -18.21
C PHE A 19 -5.62 3.69 -19.00
N LYS A 20 -5.67 3.13 -20.21
CA LYS A 20 -6.91 3.11 -20.99
C LYS A 20 -8.07 2.69 -20.08
N GLY A 21 -9.14 3.48 -20.10
CA GLY A 21 -10.33 3.19 -19.30
C GLY A 21 -10.30 3.83 -17.92
N PHE A 22 -9.15 4.41 -17.53
CA PHE A 22 -8.98 4.91 -16.16
C PHE A 22 -8.58 6.39 -16.00
N ASP A 23 -8.93 7.00 -14.88
CA ASP A 23 -8.18 8.17 -14.37
C ASP A 23 -7.16 7.62 -13.39
N GLY A 24 -5.95 7.44 -13.87
CA GLY A 24 -4.96 6.69 -13.13
C GLY A 24 -3.68 7.46 -13.01
N SER A 25 -2.82 7.00 -12.11
CA SER A 25 -1.56 7.63 -11.90
C SER A 25 -0.48 6.59 -11.65
N PHE A 26 0.76 6.96 -11.95
CA PHE A 26 1.92 6.10 -11.66
C PHE A 26 3.01 7.01 -11.15
N VAL A 27 3.44 6.75 -9.91
CA VAL A 27 4.58 7.44 -9.32
C VAL A 27 5.74 6.46 -9.12
N LEU A 28 6.94 6.82 -9.60
CA LEU A 28 8.17 6.08 -9.26
C LEU A 28 9.14 7.00 -8.52
N TYR A 29 9.76 6.47 -7.47
CA TYR A 29 10.89 7.14 -6.84
C TYR A 29 12.18 6.32 -6.95
N ASN A 30 13.22 6.95 -7.45
CA ASN A 30 14.47 6.29 -7.70
C ASN A 30 15.38 6.69 -6.57
N GLU A 31 15.62 5.76 -5.66
CA GLU A 31 16.32 6.05 -4.39
C GLU A 31 17.71 6.62 -4.62
N ARG A 32 18.48 6.00 -5.52
CA ARG A 32 19.83 6.45 -5.77
C ARG A 32 19.91 7.88 -6.32
N GLU A 33 19.10 8.16 -7.34
CA GLU A 33 19.13 9.50 -7.96
C GLU A 33 18.26 10.47 -7.18
N GLN A 34 17.43 9.94 -6.28
CA GLN A 34 16.55 10.75 -5.43
C GLN A 34 15.59 11.56 -6.31
N ALA A 35 14.81 10.86 -7.12
CA ALA A 35 14.09 11.51 -8.20
C ALA A 35 12.77 10.81 -8.42
N TYR A 36 11.71 11.61 -8.46
CA TYR A 36 10.39 11.10 -8.80
C TYR A 36 10.18 11.13 -10.28
N SER A 37 9.43 10.14 -10.77
CA SER A 37 8.85 10.18 -12.10
C SER A 37 7.35 9.96 -11.96
N ILE A 38 6.56 10.70 -12.69
CA ILE A 38 5.11 10.65 -12.47
C ILE A 38 4.37 10.64 -13.79
N TYR A 39 3.48 9.65 -13.97
CA TYR A 39 2.39 9.78 -14.92
C TYR A 39 1.17 10.40 -14.21
N ASN A 40 0.66 11.50 -14.76
CA ASN A 40 -0.56 12.10 -14.27
C ASN A 40 -0.37 12.68 -12.89
N GLU A 41 0.41 13.76 -12.86
CA GLU A 41 0.73 14.46 -11.62
C GLU A 41 -0.53 14.87 -10.85
N PRO A 42 -1.53 15.49 -11.51
CA PRO A 42 -2.71 15.85 -10.74
C PRO A 42 -3.33 14.65 -10.08
N GLU A 43 -3.48 13.54 -10.81
CA GLU A 43 -4.02 12.35 -10.16
C GLU A 43 -3.11 11.78 -9.09
N SER A 44 -1.79 11.95 -9.24
CA SER A 44 -0.84 11.46 -8.21
C SER A 44 -0.95 12.19 -6.86
N LYS A 45 -1.54 13.41 -6.81
CA LYS A 45 -1.79 14.13 -5.55
C LYS A 45 -3.19 13.94 -4.97
N GLN A 46 -4.11 13.37 -5.73
CA GLN A 46 -5.48 13.19 -5.22
C GLN A 46 -5.46 12.12 -4.17
N ARG A 47 -6.13 12.37 -3.06
CA ARG A 47 -6.13 11.43 -1.96
C ARG A 47 -7.33 10.51 -2.05
N TYR A 48 -7.08 9.20 -1.92
CA TYR A 48 -8.13 8.20 -1.99
C TYR A 48 -7.95 7.24 -0.84
N SER A 49 -9.04 6.58 -0.43
CA SER A 49 -8.99 5.51 0.56
C SER A 49 -7.90 4.49 0.08
N PRO A 50 -6.92 4.13 0.95
CA PRO A 50 -5.68 3.44 0.62
C PRO A 50 -6.19 2.06 0.60
N ASN A 51 -7.31 1.82 1.22
CA ASN A 51 -7.80 0.46 1.38
C ASN A 51 -6.73 -0.47 1.85
N SER A 52 -6.56 -1.59 1.12
CA SER A 52 -5.93 -2.78 1.74
C SER A 52 -4.44 -2.56 1.85
N THR A 53 -4.09 -1.24 1.12
CA THR A 53 -2.63 -0.96 1.24
C THR A 53 -2.31 -0.40 2.64
N TYR A 54 -3.36 -0.14 3.41
CA TYR A 54 -3.18 0.38 4.76
C TYR A 54 -2.70 -0.70 5.71
N LYS A 55 -2.90 -1.96 5.31
CA LYS A 55 -2.56 -3.11 6.11
C LYS A 55 -1.09 -3.11 6.47
N ILE A 56 -0.29 -2.59 5.55
CA ILE A 56 1.17 -2.48 5.71
C ILE A 56 1.48 -1.75 7.01
N TYR A 57 0.83 -0.62 7.26
CA TYR A 57 1.13 0.25 8.41
C TYR A 57 0.41 -0.20 9.64
N LEU A 58 -0.77 -0.78 9.43
CA LEU A 58 -1.54 -1.36 10.51
C LEU A 58 -0.67 -2.47 11.14
N ALA A 59 0.01 -3.25 10.29
CA ALA A 59 0.98 -4.25 10.75
C ALA A 59 2.19 -3.65 11.53
N LEU A 60 2.85 -2.64 10.97
CA LEU A 60 3.94 -1.97 11.68
C LEU A 60 3.48 -1.44 13.04
N MET A 61 2.26 -0.93 13.09
CA MET A 61 1.69 -0.42 14.33
C MET A 61 1.48 -1.52 15.34
N ALA A 62 0.91 -2.63 14.90
CA ALA A 62 0.66 -3.74 15.81
C ALA A 62 1.98 -4.28 16.36
N PHE A 63 3.03 -4.27 15.53
CA PHE A 63 4.35 -4.72 16.00
C PHE A 63 4.90 -3.81 17.06
N ASP A 64 4.84 -2.52 16.79
CA ASP A 64 5.37 -1.50 17.66
C ASP A 64 4.64 -1.52 19.00
N GLN A 65 3.35 -1.83 18.97
CA GLN A 65 2.54 -1.95 20.19
C GLN A 65 2.66 -3.32 20.86
N ASN A 66 3.62 -4.13 20.40
CA ASN A 66 3.81 -5.52 20.87
C ASN A 66 2.50 -6.29 20.92
N LEU A 67 1.64 -5.98 19.97
CA LEU A 67 0.44 -6.73 19.69
C LEU A 67 0.82 -7.92 18.81
N LEU A 68 1.81 -7.71 17.94
CA LEU A 68 2.42 -8.76 17.12
C LEU A 68 3.87 -8.93 17.58
N SER A 69 4.28 -10.18 17.77
CA SER A 69 5.71 -10.46 17.99
C SER A 69 6.28 -11.20 16.78
N LEU A 70 7.59 -11.07 16.57
CA LEU A 70 8.29 -11.71 15.45
C LEU A 70 7.96 -13.20 15.21
N ASN A 71 7.83 -13.98 16.29
CA ASN A 71 7.46 -15.40 16.22
C ASN A 71 6.07 -15.67 16.81
N HIS A 72 5.20 -14.67 16.62
CA HIS A 72 3.80 -14.72 17.04
C HIS A 72 3.03 -13.76 16.15
N THR A 73 2.66 -14.22 14.96
CA THR A 73 1.80 -13.43 14.07
C THR A 73 0.47 -14.12 13.78
N GLU A 74 0.32 -15.34 14.31
CA GLU A 74 -0.86 -16.18 14.07
C GLU A 74 -2.13 -15.62 14.70
N GLN A 75 -3.22 -15.67 13.94
CA GLN A 75 -4.56 -15.35 14.47
C GLN A 75 -5.56 -16.47 14.19
N GLN A 76 -6.41 -16.75 15.18
CA GLN A 76 -7.49 -17.74 15.07
C GLN A 76 -8.63 -17.28 14.17
N TRP A 77 -9.03 -18.14 13.24
CA TRP A 77 -10.23 -17.89 12.42
C TRP A 77 -11.50 -18.17 13.22
N ASP A 78 -12.33 -17.13 13.43
CA ASP A 78 -13.52 -17.25 14.30
C ASP A 78 -14.70 -18.07 13.70
N LYS A 79 -14.49 -18.61 12.50
CA LYS A 79 -15.41 -19.52 11.80
C LYS A 79 -16.46 -18.89 10.88
N HIS A 80 -16.42 -17.57 10.71
CA HIS A 80 -17.28 -16.87 9.75
C HIS A 80 -16.91 -17.21 8.29
N GLN A 81 -17.88 -17.70 7.53
CA GLN A 81 -17.67 -18.00 6.10
C GLN A 81 -17.68 -16.76 5.20
N TYR A 82 -16.59 -16.56 4.45
CA TYR A 82 -16.46 -15.42 3.53
C TYR A 82 -16.60 -15.85 2.06
N PRO A 83 -16.90 -14.88 1.16
CA PRO A 83 -17.02 -15.13 -0.29
C PRO A 83 -15.72 -15.64 -0.95
N PHE A 84 -14.58 -15.36 -0.32
CA PHE A 84 -13.29 -15.84 -0.80
C PHE A 84 -12.71 -16.88 0.17
N LYS A 85 -12.40 -18.07 -0.38
CA LYS A 85 -12.06 -19.23 0.44
C LYS A 85 -10.75 -19.11 1.22
N GLU A 86 -9.78 -18.38 0.66
CA GLU A 86 -8.49 -18.21 1.32
C GLU A 86 -8.59 -17.57 2.69
N TRP A 87 -9.67 -16.83 2.91
CA TRP A 87 -9.92 -16.12 4.18
C TRP A 87 -10.46 -17.02 5.26
N ASN A 88 -11.04 -18.16 4.86
CA ASN A 88 -11.76 -19.08 5.73
C ASN A 88 -10.88 -20.05 6.51
N GLN A 89 -9.78 -19.53 7.06
CA GLN A 89 -8.85 -20.32 7.87
C GLN A 89 -7.96 -19.43 8.74
N ASP A 90 -7.28 -20.08 9.69
CA ASP A 90 -6.24 -19.39 10.48
C ASP A 90 -5.26 -18.68 9.56
N GLN A 91 -4.71 -17.59 10.05
CA GLN A 91 -3.79 -16.79 9.26
C GLN A 91 -2.56 -16.44 10.07
N ASN A 92 -1.46 -16.18 9.38
CA ASN A 92 -0.32 -15.50 9.99
C ASN A 92 -0.06 -14.27 9.15
N LEU A 93 0.92 -13.46 9.53
CA LEU A 93 1.20 -12.20 8.81
C LEU A 93 1.32 -12.43 7.30
N ASN A 94 2.17 -13.37 6.91
CA ASN A 94 2.40 -13.68 5.50
C ASN A 94 1.11 -14.01 4.73
N SER A 95 0.31 -14.97 5.20
CA SER A 95 -0.94 -15.37 4.51
C SER A 95 -1.98 -14.26 4.50
N SER A 96 -2.11 -13.59 5.64
CA SER A 96 -3.04 -12.47 5.80
C SER A 96 -2.76 -11.39 4.78
N MET A 97 -1.48 -11.14 4.53
CA MET A 97 -1.08 -10.18 3.51
C MET A 97 -1.22 -10.70 2.10
N LYS A 98 -0.77 -11.94 1.87
CA LYS A 98 -0.88 -12.57 0.56
C LYS A 98 -2.35 -12.63 0.09
N TYR A 99 -3.24 -13.07 0.97
CA TYR A 99 -4.66 -13.19 0.62
C TYR A 99 -5.49 -11.96 0.97
N SER A 100 -4.84 -10.93 1.51
CA SER A 100 -5.52 -9.70 1.93
C SER A 100 -6.74 -10.00 2.82
N VAL A 101 -6.50 -10.71 3.92
CA VAL A 101 -7.60 -11.08 4.79
C VAL A 101 -7.94 -9.93 5.77
N ASN A 102 -8.93 -9.14 5.37
CA ASN A 102 -9.43 -8.02 6.16
C ASN A 102 -9.59 -8.28 7.65
N TRP A 103 -10.12 -9.44 8.04
CA TRP A 103 -10.35 -9.67 9.46
C TRP A 103 -9.10 -9.69 10.33
N TYR A 104 -7.99 -10.09 9.72
CA TYR A 104 -6.72 -10.10 10.42
C TYR A 104 -6.37 -8.70 10.83
N TYR A 105 -6.64 -7.76 9.94
CA TYR A 105 -6.22 -6.39 10.13
C TYR A 105 -7.23 -5.61 10.91
N GLU A 106 -8.48 -6.08 10.88
CA GLU A 106 -9.58 -5.52 11.67
C GLU A 106 -9.43 -5.92 13.13
N ASN A 107 -8.83 -7.07 13.38
CA ASN A 107 -8.45 -7.45 14.75
C ASN A 107 -7.30 -6.63 15.30
N LEU A 108 -6.36 -6.27 14.43
CA LEU A 108 -5.20 -5.48 14.80
C LEU A 108 -5.69 -4.10 15.20
N ASN A 109 -6.53 -3.52 14.36
CA ASN A 109 -7.07 -2.21 14.63
C ASN A 109 -7.93 -2.20 15.88
N LYS A 110 -8.73 -3.25 16.07
CA LYS A 110 -9.65 -3.33 17.20
C LYS A 110 -8.88 -3.23 18.51
N HIS A 111 -7.67 -3.75 18.53
CA HIS A 111 -6.89 -3.78 19.77
C HIS A 111 -5.89 -2.63 19.96
N LEU A 112 -5.73 -1.80 18.94
CA LEU A 112 -4.92 -0.59 19.09
C LEU A 112 -5.80 0.54 19.63
N ARG A 113 -5.23 1.45 20.42
CA ARG A 113 -5.93 2.66 20.85
C ARG A 113 -6.02 3.63 19.67
N GLN A 114 -7.21 4.17 19.42
CA GLN A 114 -7.43 5.13 18.35
C GLN A 114 -6.42 6.30 18.40
N ASP A 115 -6.09 6.70 19.62
CA ASP A 115 -5.16 7.80 19.87
C ASP A 115 -3.71 7.45 19.60
N GLU A 116 -3.29 6.23 19.93
CA GLU A 116 -1.97 5.72 19.54
C GLU A 116 -1.87 5.72 18.00
N VAL A 117 -2.92 5.22 17.35
CA VAL A 117 -3.02 5.25 15.90
C VAL A 117 -3.02 6.65 15.34
N LYS A 118 -3.82 7.55 15.89
CA LYS A 118 -3.77 8.95 15.44
C LYS A 118 -2.36 9.50 15.51
N SER A 119 -1.67 9.16 16.61
CA SER A 119 -0.32 9.62 16.82
C SER A 119 0.62 9.03 15.78
N TYR A 120 0.46 7.75 15.49
CA TYR A 120 1.25 7.12 14.41
C TYR A 120 1.08 7.79 13.07
N LEU A 121 -0.17 8.12 12.72
CA LEU A 121 -0.49 8.65 11.38
C LEU A 121 0.02 10.08 11.27
N ASP A 122 0.02 10.78 12.40
CA ASP A 122 0.65 12.07 12.48
C ASP A 122 2.17 11.94 12.25
N LEU A 123 2.80 10.96 12.90
CA LEU A 123 4.25 10.77 12.74
C LEU A 123 4.62 10.42 11.31
N ILE A 124 3.88 9.48 10.73
CA ILE A 124 4.24 8.98 9.39
C ILE A 124 3.64 9.81 8.23
N GLU A 125 2.81 10.78 8.58
CA GLU A 125 2.15 11.67 7.62
C GLU A 125 1.25 10.90 6.67
N TYR A 126 0.34 10.14 7.24
CA TYR A 126 -0.51 9.27 6.47
C TYR A 126 -1.69 10.05 5.92
N GLY A 127 -1.46 10.74 4.80
CA GLY A 127 -2.51 11.42 4.05
C GLY A 127 -3.23 12.47 4.84
N ASN A 128 -4.56 12.38 4.89
CA ASN A 128 -5.33 13.38 5.64
C ASN A 128 -5.42 13.04 7.12
N GLU A 129 -4.99 11.84 7.50
CA GLU A 129 -5.02 11.39 8.90
C GLU A 129 -6.43 11.34 9.51
N GLU A 130 -7.48 11.30 8.68
CA GLU A 130 -8.86 11.27 9.16
C GLU A 130 -9.28 9.86 9.48
N ILE A 131 -9.30 9.51 10.76
CA ILE A 131 -9.77 8.18 11.18
C ILE A 131 -11.09 8.27 11.95
N SER A 132 -11.75 9.41 11.76
CA SER A 132 -13.00 9.75 12.43
C SER A 132 -14.24 9.07 11.85
N GLY A 133 -14.19 8.74 10.56
CA GLY A 133 -15.38 8.33 9.81
C GLY A 133 -16.15 7.12 10.34
N ASN A 134 -15.46 6.00 10.48
CA ASN A 134 -16.09 4.75 10.93
C ASN A 134 -15.06 3.88 11.66
N GLU A 135 -15.45 2.66 12.07
CA GLU A 135 -14.47 1.78 12.67
C GLU A 135 -13.41 1.35 11.65
N ASN A 136 -13.85 0.99 10.45
CA ASN A 136 -12.94 0.58 9.36
C ASN A 136 -12.62 1.77 8.49
N TYR A 137 -12.14 2.82 9.13
CA TYR A 137 -11.80 4.07 8.49
C TYR A 137 -10.93 3.95 7.25
N TRP A 138 -10.21 2.84 7.09
CA TRP A 138 -9.35 2.69 5.92
C TRP A 138 -10.06 2.10 4.69
N ASN A 139 -11.30 1.64 4.86
CA ASN A 139 -12.09 1.08 3.77
C ASN A 139 -13.14 2.06 3.21
N GLU A 140 -12.80 2.72 2.11
CA GLU A 140 -13.74 3.66 1.48
C GLU A 140 -14.44 4.48 2.55
N SER A 141 -13.63 5.01 3.46
CA SER A 141 -14.16 5.80 4.58
C SER A 141 -13.39 7.11 4.66
N SER A 142 -13.09 7.58 5.86
CA SER A 142 -12.55 8.93 6.03
C SER A 142 -11.05 9.09 5.62
N LEU A 143 -10.28 8.02 5.79
CA LEU A 143 -8.81 8.09 5.63
C LEU A 143 -8.43 8.01 4.17
N LYS A 144 -7.68 9.01 3.69
CA LYS A 144 -7.34 9.07 2.27
C LYS A 144 -5.88 9.41 2.09
N ILE A 145 -5.25 8.81 1.09
CA ILE A 145 -3.85 9.06 0.81
C ILE A 145 -3.60 9.12 -0.73
N SER A 146 -2.62 9.92 -1.16
CA SER A 146 -2.29 10.08 -2.58
C SER A 146 -1.21 9.10 -2.99
N ALA A 147 -1.17 8.77 -4.26
CA ALA A 147 -0.14 7.85 -4.81
C ALA A 147 1.28 8.30 -4.49
N ILE A 148 1.52 9.60 -4.56
CA ILE A 148 2.87 10.10 -4.22
C ILE A 148 3.24 9.94 -2.73
N GLU A 149 2.26 10.11 -1.86
CA GLU A 149 2.45 9.90 -0.42
C GLU A 149 2.65 8.43 -0.14
N GLN A 150 1.92 7.54 -0.81
CA GLN A 150 2.17 6.09 -0.69
C GLN A 150 3.64 5.74 -0.94
N VAL A 151 4.24 6.39 -1.94
CA VAL A 151 5.65 6.18 -2.26
C VAL A 151 6.56 6.75 -1.18
N ASN A 152 6.25 7.96 -0.69
CA ASN A 152 7.06 8.60 0.34
C ASN A 152 7.13 7.77 1.63
N LEU A 153 6.02 7.11 1.95
CA LEU A 153 5.94 6.31 3.17
C LEU A 153 6.72 5.01 3.06
N LEU A 154 6.59 4.31 1.92
CA LEU A 154 7.36 3.12 1.67
C LEU A 154 8.86 3.47 1.72
N LYS A 155 9.26 4.56 1.07
CA LYS A 155 10.65 5.00 1.06
C LYS A 155 11.15 5.29 2.47
N ASN A 156 10.31 5.99 3.24
CA ASN A 156 10.62 6.37 4.62
C ASN A 156 10.73 5.18 5.53
N MET A 157 9.86 4.20 5.32
CA MET A 157 9.89 2.95 6.06
C MET A 157 11.20 2.20 5.78
N LYS A 158 11.48 1.99 4.50
CA LYS A 158 12.59 1.18 4.01
C LYS A 158 13.94 1.87 4.30
N GLN A 159 14.00 3.19 4.24
CA GLN A 159 15.18 3.95 4.66
C GLN A 159 15.20 4.23 6.17
N HIS A 160 14.43 3.44 6.91
CA HIS A 160 14.43 3.47 8.38
C HIS A 160 14.28 4.87 8.99
N ASN A 161 13.36 5.65 8.43
CA ASN A 161 13.02 6.98 8.94
C ASN A 161 11.74 6.97 9.80
N MET A 162 11.03 5.84 9.79
CA MET A 162 9.91 5.60 10.70
C MET A 162 10.43 4.98 11.99
N HIS A 163 9.83 5.35 13.11
CA HIS A 163 10.33 4.86 14.41
C HIS A 163 9.81 3.44 14.69
N PHE A 164 9.83 2.59 13.66
CA PHE A 164 9.45 1.18 13.81
C PHE A 164 10.72 0.34 13.83
N ASP A 165 10.68 -0.80 14.53
CA ASP A 165 11.83 -1.72 14.60
C ASP A 165 12.22 -2.28 13.23
N ASN A 166 13.52 -2.36 12.98
CA ASN A 166 14.04 -2.91 11.72
C ASN A 166 13.54 -4.32 11.38
N LYS A 167 13.40 -5.16 12.40
CA LYS A 167 12.93 -6.52 12.23
C LYS A 167 11.42 -6.55 12.01
N ALA A 168 10.73 -5.57 12.59
CA ALA A 168 9.31 -5.38 12.34
C ALA A 168 9.11 -5.09 10.85
N ILE A 169 9.87 -4.12 10.36
CA ILE A 169 9.90 -3.76 8.97
C ILE A 169 10.32 -4.92 8.06
N GLU A 170 11.31 -5.68 8.47
CA GLU A 170 11.72 -6.87 7.75
C GLU A 170 10.59 -7.88 7.65
N LYS A 171 9.89 -8.12 8.76
CA LYS A 171 8.76 -9.05 8.78
C LYS A 171 7.65 -8.59 7.84
N VAL A 172 7.25 -7.34 7.97
CA VAL A 172 6.22 -6.75 7.12
C VAL A 172 6.63 -6.80 5.65
N GLU A 173 7.89 -6.49 5.36
CA GLU A 173 8.41 -6.57 4.00
C GLU A 173 8.37 -8.01 3.43
N ASN A 174 8.86 -8.95 4.22
CA ASN A 174 8.73 -10.36 3.86
C ASN A 174 7.27 -10.76 3.49
N SER A 175 6.30 -10.24 4.23
CA SER A 175 4.91 -10.66 4.06
C SER A 175 4.33 -10.12 2.73
N MET A 176 4.85 -9.00 2.26
CA MET A 176 4.50 -8.50 0.95
C MET A 176 5.53 -8.71 -0.17
N THR A 177 6.48 -9.63 0.05
CA THR A 177 7.48 -9.94 -0.97
C THR A 177 6.83 -10.83 -2.02
N LEU A 178 6.82 -10.37 -3.25
CA LEU A 178 6.16 -11.09 -4.31
C LEU A 178 7.13 -11.92 -5.08
N LYS A 179 8.33 -11.40 -5.27
CA LYS A 179 9.37 -12.16 -5.91
C LYS A 179 10.74 -11.89 -5.33
N GLN A 180 11.51 -12.97 -5.19
CA GLN A 180 12.84 -12.84 -4.67
C GLN A 180 13.84 -13.58 -5.55
N LYS A 181 14.58 -12.78 -6.31
CA LYS A 181 15.63 -13.27 -7.18
C LYS A 181 17.01 -12.84 -6.70
N ASP A 182 18.04 -13.34 -7.39
CA ASP A 182 19.42 -12.92 -7.17
C ASP A 182 19.51 -11.44 -7.45
N THR A 183 18.89 -11.04 -8.56
CA THR A 183 19.06 -9.74 -9.17
C THR A 183 18.05 -8.68 -8.69
N TYR A 184 17.02 -9.12 -7.96
CA TYR A 184 16.04 -8.20 -7.40
C TYR A 184 15.13 -8.79 -6.32
N LYS A 185 14.60 -7.89 -5.50
CA LYS A 185 13.50 -8.19 -4.59
C LYS A 185 12.32 -7.33 -4.99
N TYR A 186 11.17 -7.95 -5.16
CA TYR A 186 9.99 -7.25 -5.65
C TYR A 186 8.89 -7.36 -4.59
N VAL A 187 8.52 -6.21 -4.05
CA VAL A 187 7.61 -6.13 -2.92
C VAL A 187 6.39 -5.33 -3.33
N GLY A 188 5.18 -5.79 -2.95
CA GLY A 188 4.00 -4.99 -3.20
C GLY A 188 2.71 -5.40 -2.52
N LYS A 189 1.78 -4.44 -2.44
CA LYS A 189 0.46 -4.66 -1.87
C LYS A 189 -0.62 -4.00 -2.76
N THR A 190 -1.66 -4.79 -3.04
CA THR A 190 -2.82 -4.32 -3.80
C THR A 190 -3.89 -3.74 -2.92
N GLY A 191 -4.81 -3.04 -3.55
CA GLY A 191 -5.96 -2.45 -2.86
C GLY A 191 -7.08 -2.30 -3.85
N THR A 192 -8.29 -2.70 -3.42
CA THR A 192 -9.53 -2.49 -4.11
C THR A 192 -10.58 -1.87 -3.16
N GLY A 193 -11.32 -0.91 -3.70
CA GLY A 193 -12.43 -0.34 -2.99
C GLY A 193 -13.63 -0.22 -3.89
N ILE A 194 -14.80 -0.39 -3.28
CA ILE A 194 -16.07 -0.35 -4.00
C ILE A 194 -16.80 0.89 -3.58
N VAL A 195 -17.28 1.62 -4.59
CA VAL A 195 -18.21 2.67 -4.39
C VAL A 195 -19.24 2.66 -5.50
N ASN A 196 -20.49 2.83 -5.10
CA ASN A 196 -21.66 2.71 -5.96
C ASN A 196 -21.77 1.32 -6.63
N HIS A 197 -21.47 0.31 -5.81
CA HIS A 197 -21.51 -1.10 -6.20
C HIS A 197 -20.49 -1.49 -7.28
N LYS A 198 -19.53 -0.61 -7.55
CA LYS A 198 -18.50 -0.87 -8.56
C LYS A 198 -17.11 -0.77 -7.99
N GLU A 199 -16.21 -1.59 -8.52
CA GLU A 199 -14.78 -1.49 -8.22
C GLU A 199 -14.23 -0.20 -8.82
N ALA A 200 -13.92 0.77 -7.97
CA ALA A 200 -13.67 2.12 -8.44
C ALA A 200 -12.40 2.74 -7.85
N ASN A 201 -11.67 1.96 -7.07
CA ASN A 201 -10.48 2.46 -6.41
C ASN A 201 -9.54 1.30 -6.45
N GLY A 202 -8.47 1.43 -7.23
CA GLY A 202 -7.48 0.35 -7.38
C GLY A 202 -6.10 0.85 -6.98
N TRP A 203 -5.43 0.09 -6.12
CA TRP A 203 -4.07 0.42 -5.69
C TRP A 203 -3.15 -0.70 -5.96
N PHE A 204 -1.95 -0.37 -6.41
CA PHE A 204 -0.80 -1.27 -6.24
C PHE A 204 0.41 -0.45 -5.87
N VAL A 205 0.90 -0.71 -4.67
CA VAL A 205 2.06 0.01 -4.12
C VAL A 205 3.14 -0.95 -3.72
N GLY A 206 4.39 -0.50 -3.85
CA GLY A 206 5.52 -1.36 -3.51
C GLY A 206 6.82 -0.79 -3.99
N TYR A 207 7.77 -1.68 -4.19
CA TYR A 207 9.08 -1.31 -4.65
C TYR A 207 9.82 -2.51 -5.18
N VAL A 208 10.77 -2.21 -6.06
CA VAL A 208 11.74 -3.16 -6.60
C VAL A 208 13.12 -2.75 -6.06
N GLU A 209 13.82 -3.70 -5.48
CA GLU A 209 15.11 -3.45 -4.85
C GLU A 209 16.09 -4.27 -5.64
N THR A 210 17.03 -3.60 -6.30
CA THR A 210 18.04 -4.28 -7.10
C THR A 210 19.35 -4.30 -6.32
N LYS A 211 20.41 -4.73 -6.97
CA LYS A 211 21.68 -4.83 -6.31
C LYS A 211 22.36 -3.48 -6.03
N ASP A 212 21.87 -2.40 -6.62
CA ASP A 212 22.48 -1.10 -6.38
C ASP A 212 21.50 0.04 -6.18
N ASN A 213 20.20 -0.28 -6.18
CA ASN A 213 19.16 0.72 -6.10
C ASN A 213 17.83 0.14 -5.61
N THR A 214 16.87 1.02 -5.37
CA THR A 214 15.52 0.67 -4.96
C THR A 214 14.61 1.69 -5.67
N TYR A 215 13.59 1.16 -6.31
CA TYR A 215 12.68 1.96 -7.12
C TYR A 215 11.34 1.74 -6.46
N TYR A 216 10.83 2.75 -5.78
CA TYR A 216 9.54 2.64 -5.08
C TYR A 216 8.53 3.15 -6.04
N PHE A 217 7.33 2.58 -5.99
CA PHE A 217 6.28 2.97 -6.89
C PHE A 217 4.89 2.91 -6.26
N ALA A 218 3.96 3.65 -6.84
CA ALA A 218 2.52 3.47 -6.55
C ALA A 218 1.73 3.70 -7.82
N THR A 219 0.83 2.78 -8.12
CA THR A 219 -0.11 2.90 -9.22
C THR A 219 -1.46 3.03 -8.58
N HIS A 220 -2.21 4.06 -8.97
CA HIS A 220 -3.60 4.18 -8.58
C HIS A 220 -4.57 4.25 -9.72
N LEU A 221 -5.70 3.55 -9.59
CA LEU A 221 -6.77 3.62 -10.58
C LEU A 221 -8.09 4.10 -10.03
N LYS A 222 -8.73 4.94 -10.83
CA LYS A 222 -10.07 5.41 -10.62
C LYS A 222 -10.85 5.21 -11.92
N GLY A 223 -12.01 4.61 -11.85
CA GLY A 223 -12.79 4.35 -13.06
C GLY A 223 -14.17 3.86 -12.70
N GLU A 224 -15.00 3.65 -13.72
CA GLU A 224 -16.42 3.36 -13.47
C GLU A 224 -16.62 1.95 -12.92
N ASP A 225 -15.66 1.09 -13.21
CA ASP A 225 -15.69 -0.30 -12.82
C ASP A 225 -14.30 -0.85 -13.17
N ASN A 226 -13.97 -2.04 -12.65
CA ASN A 226 -12.68 -2.70 -12.94
C ASN A 226 -11.45 -1.91 -12.51
N ALA A 227 -11.66 -0.89 -11.70
CA ALA A 227 -10.58 -0.18 -11.04
C ALA A 227 -10.26 -0.96 -9.79
N ASN A 228 -9.36 -1.93 -9.90
CA ASN A 228 -9.04 -2.77 -8.74
C ASN A 228 -7.55 -3.01 -8.58
N GLY A 229 -7.17 -3.53 -7.41
CA GLY A 229 -5.79 -3.87 -7.10
C GLY A 229 -5.13 -4.73 -8.17
N GLU A 230 -5.85 -5.75 -8.64
CA GLU A 230 -5.33 -6.66 -9.64
C GLU A 230 -4.95 -5.96 -10.95
N LYS A 231 -5.85 -5.14 -11.46
CA LYS A 231 -5.60 -4.36 -12.65
C LYS A 231 -4.45 -3.40 -12.41
N ALA A 232 -4.42 -2.79 -11.22
CA ALA A 232 -3.38 -1.82 -10.85
C ALA A 232 -2.02 -2.50 -10.84
N GLN A 233 -1.97 -3.77 -10.41
CA GLN A 233 -0.72 -4.49 -10.36
C GLN A 233 -0.29 -4.90 -11.74
N GLN A 234 -1.25 -5.32 -12.55
CA GLN A 234 -1.02 -5.67 -13.94
C GLN A 234 -0.43 -4.47 -14.70
N ILE A 235 -1.01 -3.29 -14.49
CA ILE A 235 -0.51 -2.06 -15.10
C ILE A 235 0.88 -1.77 -14.59
N SER A 236 1.10 -1.92 -13.29
CA SER A 236 2.39 -1.58 -12.72
C SER A 236 3.46 -2.52 -13.24
N GLU A 237 3.13 -3.80 -13.36
CA GLU A 237 4.09 -4.81 -13.82
C GLU A 237 4.54 -4.57 -15.23
N ARG A 238 3.60 -4.16 -16.09
CA ARG A 238 3.93 -3.78 -17.47
C ARG A 238 4.88 -2.58 -17.49
N ILE A 239 4.52 -1.55 -16.75
CA ILE A 239 5.34 -0.37 -16.67
C ILE A 239 6.73 -0.70 -16.13
N LEU A 240 6.80 -1.54 -15.09
CA LEU A 240 8.09 -1.84 -14.52
C LEU A 240 8.96 -2.67 -15.46
N LYS A 241 8.37 -3.61 -16.20
CA LYS A 241 9.17 -4.36 -17.17
C LYS A 241 9.75 -3.42 -18.22
N GLU A 242 8.93 -2.47 -18.66
CA GLU A 242 9.28 -1.55 -19.73
C GLU A 242 10.41 -0.59 -19.35
N MET A 243 10.58 -0.37 -18.05
CA MET A 243 11.72 0.37 -17.49
C MET A 243 12.82 -0.61 -17.15
N GLU A 244 12.48 -1.89 -17.24
CA GLU A 244 13.42 -3.00 -17.12
C GLU A 244 13.88 -3.12 -15.68
N LEU A 245 12.90 -3.47 -14.83
CA LEU A 245 13.13 -3.60 -13.39
C LEU A 245 12.62 -4.96 -12.93
N ILE A 246 11.59 -5.48 -13.61
CA ILE A 246 11.10 -6.81 -13.26
C ILE A 246 11.14 -7.86 -14.39
C 1S6 B . -8.54 -4.47 0.49
N 1S6 B . -10.75 -4.86 -0.16
CA 1S6 B . -9.66 -5.45 0.60
CB 1S6 B . -9.13 -6.80 0.07
CAA 1S6 B . -13.13 -1.82 0.85
CAB 1S6 B . -9.94 -7.64 -3.67
CAC 1S6 B . -8.40 -9.08 -2.35
OAE 1S6 B . -5.98 -6.83 -2.71
OAF 1S6 B . -12.35 -5.39 1.32
OAH 1S6 B . -7.28 -5.88 -4.21
CAI 1S6 B . -13.56 -8.09 -4.02
CAJ 1S6 B . -13.43 -8.15 -2.64
CAK 1S6 B . -13.74 -6.86 -4.63
CAL 1S6 B . -13.48 -6.98 -1.87
CAM 1S6 B . -13.78 -5.71 -3.85
NAN 1S6 B . -14.52 -3.52 -2.13
NAP 1S6 B . -7.97 -6.54 -0.76
OAQ 1S6 B . -14.36 -2.45 -1.19
SAR 1S6 B . -10.27 -7.71 -0.93
CAT 1S6 B . -7.10 -6.42 -3.10
CAU 1S6 B . -12.01 -4.87 0.27
CAV 1S6 B . -13.46 -2.80 -0.24
CAW 1S6 B . -13.65 -5.75 -2.48
CAX 1S6 B . -13.71 -4.57 -1.75
CAY 1S6 B . -13.04 -4.17 -0.58
CBB 1S6 B . -8.28 -6.54 -2.17
CBC 1S6 B . -9.18 -7.77 -2.35
OXT 1S6 B . -8.53 -3.58 -0.35
#